data_6KY3
#
_entry.id   6KY3
#
_cell.length_a   77.943
_cell.length_b   57.840
_cell.length_c   74.860
_cell.angle_alpha   90.00
_cell.angle_beta   100.46
_cell.angle_gamma   90.00
#
_symmetry.space_group_name_H-M   'C 1 2 1'
#
loop_
_entity.id
_entity.type
_entity.pdbx_description
1 polymer 'Arginine kinase'
2 non-polymer 'PHOSPHATE ION'
3 non-polymer 'POTASSIUM ION'
4 non-polymer ARGININE
5 water water
#
_entity_poly.entity_id   1
_entity_poly.type   'polypeptide(L)'
_entity_poly.pdbx_seq_one_letter_code
;HHHHHMVDAAVAEKLEAGFQKLQEATNCKSLLKKHLTREIFDKIKDLKTSFGSTLLDVIQSGVENLDSGFGVYAPDAEAY
SVFNDLFEPMICDYHTGFKPGDAHPPRDFGDLETFGNLDPEGAFIVSTRVRCGRSLAGYAFNPCLTEANYKEMEEKVVAS
LSSLEGELKGTYYPLTGMTKEVQTQLIQDRFLFKEGDRFLQAANACRYWPTGRGIYHNDAKTFLVWCNEEDHLRIISMQK
GGDLKAVYARLVNAINEIEKRIPFSHHDKYGFLTFCPTNLGTTIRASVAIALPKLAADLAKLEEAAGKFNLQVRGTAGEH
TEAEGGVYDISNKRRMGLTEYQAVKEMYDGLQELIRMEKEAA
;
_entity_poly.pdbx_strand_id   A
#
loop_
_chem_comp.id
_chem_comp.type
_chem_comp.name
_chem_comp.formula
K non-polymer 'POTASSIUM ION' 'K 1'
PO4 non-polymer 'PHOSPHATE ION' 'O4 P -3'
#
# COMPACT_ATOMS: atom_id res chain seq x y z
N HIS A 1 -14.34 -10.53 -22.35
CA HIS A 1 -13.75 -11.80 -21.83
C HIS A 1 -12.64 -12.32 -22.73
N HIS A 2 -11.46 -12.54 -22.15
CA HIS A 2 -10.32 -13.10 -22.86
C HIS A 2 -10.12 -14.54 -22.42
N HIS A 3 -9.50 -15.36 -23.26
CA HIS A 3 -9.17 -16.75 -22.90
C HIS A 3 -8.02 -16.85 -21.90
N HIS A 4 -8.07 -17.90 -21.08
CA HIS A 4 -7.05 -18.15 -20.07
C HIS A 4 -5.70 -18.52 -20.70
N HIS A 5 -5.74 -19.05 -21.93
CA HIS A 5 -4.55 -19.47 -22.63
C HIS A 5 -4.29 -18.65 -23.88
N MET A 6 -3.02 -18.64 -24.29
CA MET A 6 -2.52 -18.08 -25.57
C MET A 6 -2.19 -16.61 -25.53
N VAL A 7 -0.89 -16.31 -25.68
CA VAL A 7 -0.40 -14.95 -25.85
C VAL A 7 0.18 -14.82 -27.26
N ASP A 8 0.12 -13.64 -27.83
CA ASP A 8 0.57 -13.44 -29.21
C ASP A 8 2.11 -13.46 -29.33
N ALA A 9 2.61 -13.54 -30.57
CA ALA A 9 4.05 -13.62 -30.81
C ALA A 9 4.87 -12.47 -30.23
N ALA A 10 4.36 -11.24 -30.35
CA ALA A 10 5.05 -10.09 -29.81
C ALA A 10 5.23 -10.19 -28.29
N VAL A 11 4.14 -10.53 -27.59
CA VAL A 11 4.18 -10.67 -26.12
C VAL A 11 5.13 -11.80 -25.75
N ALA A 12 5.02 -12.93 -26.45
CA ALA A 12 5.92 -14.05 -26.13
C ALA A 12 7.37 -13.66 -26.37
N GLU A 13 7.65 -12.93 -27.45
CA GLU A 13 9.00 -12.48 -27.72
C GLU A 13 9.52 -11.53 -26.64
N LYS A 14 8.68 -10.60 -26.19
CA LYS A 14 9.10 -9.66 -25.16
C LYS A 14 9.34 -10.35 -23.80
N LEU A 15 8.53 -11.35 -23.48
CA LEU A 15 8.75 -12.12 -22.25
C LEU A 15 10.07 -12.85 -22.27
N GLU A 16 10.36 -13.53 -23.38
CA GLU A 16 11.62 -14.24 -23.46
C GLU A 16 12.81 -13.28 -23.34
N ALA A 17 12.71 -12.14 -24.03
CA ALA A 17 13.74 -11.09 -23.96
C ALA A 17 13.89 -10.58 -22.52
N GLY A 18 12.76 -10.40 -21.83
CA GLY A 18 12.78 -9.94 -20.43
C GLY A 18 13.43 -10.95 -19.50
N PHE A 19 13.08 -12.23 -19.67
CA PHE A 19 13.70 -13.26 -18.86
C PHE A 19 15.21 -13.26 -19.06
N GLN A 20 15.64 -13.13 -20.31
CA GLN A 20 17.06 -13.05 -20.63
C GLN A 20 17.73 -11.81 -20.02
N LYS A 21 17.07 -10.67 -20.14
CA LYS A 21 17.60 -9.41 -19.57
C LYS A 21 17.83 -9.60 -18.06
N LEU A 22 16.89 -10.25 -17.38
CA LEU A 22 17.02 -10.53 -15.95
C LEU A 22 18.19 -11.47 -15.68
N GLN A 23 18.29 -12.53 -16.47
CA GLN A 23 19.37 -13.51 -16.32
C GLN A 23 20.75 -12.87 -16.53
N GLU A 24 20.86 -11.99 -17.54
CA GLU A 24 22.15 -11.36 -17.89
C GLU A 24 22.69 -10.53 -16.72
N ALA A 25 21.80 -9.77 -16.09
CA ALA A 25 22.13 -8.96 -14.93
C ALA A 25 22.30 -9.83 -13.69
N THR A 26 23.54 -10.23 -13.43
CA THR A 26 23.85 -11.09 -12.27
C THR A 26 23.88 -10.30 -10.96
N ASN A 27 24.05 -8.98 -11.07
CA ASN A 27 24.04 -8.07 -9.93
C ASN A 27 22.63 -7.68 -9.46
N CYS A 28 21.62 -8.04 -10.26
CA CYS A 28 20.23 -7.69 -9.96
C CYS A 28 19.72 -8.41 -8.72
N LYS A 29 19.19 -7.64 -7.77
CA LYS A 29 18.76 -8.20 -6.48
C LYS A 29 17.24 -8.13 -6.23
N SER A 30 16.45 -7.88 -7.28
CA SER A 30 15.00 -7.81 -7.11
C SER A 30 14.42 -9.15 -6.72
N LEU A 31 13.28 -9.12 -6.02
CA LEU A 31 12.55 -10.35 -5.74
C LEU A 31 12.07 -11.02 -7.03
N LEU A 32 11.85 -10.22 -8.08
CA LEU A 32 11.47 -10.76 -9.38
C LEU A 32 12.58 -11.68 -9.91
N LYS A 33 13.81 -11.20 -9.94
CA LYS A 33 14.92 -12.03 -10.43
C LYS A 33 15.06 -13.29 -9.58
N LYS A 34 14.94 -13.13 -8.26
CA LYS A 34 15.06 -14.25 -7.33
C LYS A 34 14.01 -15.35 -7.57
N HIS A 35 12.77 -14.94 -7.80
CA HIS A 35 11.66 -15.87 -7.79
C HIS A 35 11.17 -16.38 -9.14
N LEU A 36 11.47 -15.64 -10.21
CA LEU A 36 11.04 -16.09 -11.52
C LEU A 36 12.08 -17.06 -12.08
N THR A 37 11.99 -18.30 -11.60
CA THR A 37 12.85 -19.37 -12.11
C THR A 37 12.44 -19.69 -13.56
N ARG A 38 13.34 -20.33 -14.30
CA ARG A 38 12.98 -20.75 -15.66
C ARG A 38 11.80 -21.70 -15.63
N GLU A 39 11.73 -22.57 -14.61
CA GLU A 39 10.61 -23.52 -14.45
C GLU A 39 9.27 -22.78 -14.30
N ILE A 40 9.22 -21.81 -13.40
CA ILE A 40 7.98 -21.04 -13.20
C ILE A 40 7.64 -20.25 -14.48
N PHE A 41 8.65 -19.59 -15.05
CA PHE A 41 8.47 -18.83 -16.28
C PHE A 41 7.85 -19.70 -17.40
N ASP A 42 8.45 -20.88 -17.62
CA ASP A 42 7.95 -21.77 -18.67
C ASP A 42 6.53 -22.28 -18.43
N LYS A 43 6.14 -22.38 -17.16
CA LYS A 43 4.81 -22.86 -16.80
C LYS A 43 3.72 -21.82 -17.07
N ILE A 44 4.02 -20.55 -16.80
CA ILE A 44 2.98 -19.52 -16.79
C ILE A 44 3.03 -18.49 -17.91
N LYS A 45 4.08 -18.56 -18.76
CA LYS A 45 4.29 -17.53 -19.78
C LYS A 45 3.20 -17.46 -20.87
N ASP A 46 2.39 -18.51 -21.04
CA ASP A 46 1.32 -18.49 -22.05
C ASP A 46 -0.09 -18.31 -21.45
N LEU A 47 -0.16 -17.82 -20.21
CA LEU A 47 -1.44 -17.64 -19.53
C LEU A 47 -1.90 -16.20 -19.58
N LYS A 48 -3.22 -16.01 -19.48
CA LYS A 48 -3.84 -14.68 -19.43
C LYS A 48 -4.98 -14.64 -18.43
N THR A 49 -5.26 -13.42 -17.93
CA THR A 49 -6.46 -13.20 -17.13
C THR A 49 -7.61 -12.91 -18.09
N SER A 50 -8.82 -12.90 -17.57
CA SER A 50 -10.00 -12.63 -18.41
C SER A 50 -10.01 -11.18 -18.92
N PHE A 51 -9.21 -10.31 -18.31
CA PHE A 51 -8.99 -8.93 -18.82
C PHE A 51 -7.98 -8.88 -19.95
N GLY A 52 -7.34 -10.01 -20.26
CA GLY A 52 -6.31 -10.06 -21.30
C GLY A 52 -4.90 -9.78 -20.80
N SER A 53 -4.72 -9.66 -19.49
CA SER A 53 -3.38 -9.38 -18.94
C SER A 53 -2.51 -10.63 -19.02
N THR A 54 -1.27 -10.43 -19.45
CA THR A 54 -0.30 -11.52 -19.58
C THR A 54 0.79 -11.38 -18.53
N LEU A 55 1.74 -12.32 -18.54
CA LEU A 55 2.88 -12.23 -17.65
C LEU A 55 3.72 -10.95 -17.90
N LEU A 56 3.72 -10.46 -19.13
CA LEU A 56 4.45 -9.22 -19.43
C LEU A 56 3.87 -8.03 -18.67
N ASP A 57 2.54 -8.03 -18.53
CA ASP A 57 1.85 -6.99 -17.76
C ASP A 57 2.13 -7.08 -16.26
N VAL A 58 2.68 -8.21 -15.82
CA VAL A 58 3.09 -8.42 -14.44
C VAL A 58 4.55 -8.01 -14.23
N ILE A 59 5.44 -8.47 -15.09
CA ILE A 59 6.88 -8.35 -14.81
C ILE A 59 7.62 -7.18 -15.47
N GLN A 60 6.99 -6.52 -16.44
CA GLN A 60 7.73 -5.57 -17.27
C GLN A 60 8.41 -4.44 -16.48
N SER A 61 7.80 -3.96 -15.40
CA SER A 61 8.46 -2.88 -14.64
C SER A 61 9.80 -3.33 -14.06
N GLY A 62 9.83 -4.57 -13.58
CA GLY A 62 11.04 -5.15 -13.01
C GLY A 62 12.07 -5.56 -14.05
N VAL A 63 11.64 -5.71 -15.30
CA VAL A 63 12.57 -5.95 -16.40
C VAL A 63 13.21 -4.64 -16.84
N GLU A 64 12.38 -3.62 -17.05
CA GLU A 64 12.89 -2.32 -17.50
C GLU A 64 13.65 -1.57 -16.44
N ASN A 65 13.28 -1.79 -15.18
CA ASN A 65 14.00 -1.24 -14.04
C ASN A 65 14.64 -2.36 -13.23
N LEU A 66 15.85 -2.79 -13.63
CA LEU A 66 16.47 -3.93 -12.96
C LEU A 66 16.74 -3.66 -11.47
N ASP A 67 16.91 -2.39 -11.12
CA ASP A 67 17.15 -1.99 -9.73
C ASP A 67 15.91 -2.00 -8.84
N SER A 68 14.79 -2.51 -9.36
CA SER A 68 13.57 -2.67 -8.55
C SER A 68 13.84 -3.52 -7.32
N GLY A 69 13.22 -3.16 -6.21
CA GLY A 69 13.26 -4.00 -4.99
C GLY A 69 12.40 -5.25 -5.11
N PHE A 70 11.16 -5.05 -5.56
CA PHE A 70 10.19 -6.13 -5.67
C PHE A 70 10.12 -6.56 -7.14
N GLY A 71 9.50 -5.75 -8.00
CA GLY A 71 9.66 -5.88 -9.44
C GLY A 71 8.49 -6.41 -10.22
N VAL A 72 7.35 -6.65 -9.56
CA VAL A 72 6.10 -7.02 -10.24
C VAL A 72 4.95 -6.19 -9.72
N TYR A 73 3.92 -6.05 -10.55
CA TYR A 73 2.67 -5.43 -10.17
C TYR A 73 1.55 -6.32 -10.70
N ALA A 74 0.37 -6.18 -10.11
CA ALA A 74 -0.81 -6.90 -10.58
C ALA A 74 -1.57 -6.02 -11.58
N PRO A 75 -1.69 -6.48 -12.84
CA PRO A 75 -2.38 -5.66 -13.84
C PRO A 75 -3.90 -5.66 -13.65
N ASP A 76 -4.42 -6.65 -12.93
CA ASP A 76 -5.84 -6.72 -12.56
C ASP A 76 -5.95 -7.69 -11.40
N ALA A 77 -7.11 -7.78 -10.76
CA ALA A 77 -7.26 -8.63 -9.58
C ALA A 77 -7.03 -10.12 -9.86
N GLU A 78 -7.39 -10.56 -11.06
CA GLU A 78 -7.30 -11.97 -11.43
C GLU A 78 -5.85 -12.40 -11.59
N ALA A 79 -4.94 -11.45 -11.79
CA ALA A 79 -3.54 -11.79 -12.00
C ALA A 79 -2.95 -12.54 -10.82
N TYR A 80 -3.39 -12.19 -9.61
CA TYR A 80 -2.96 -12.86 -8.40
C TYR A 80 -3.24 -14.36 -8.38
N SER A 81 -4.32 -14.77 -9.05
CA SER A 81 -4.65 -16.18 -9.18
C SER A 81 -4.01 -16.81 -10.41
N VAL A 82 -4.15 -16.18 -11.57
CA VAL A 82 -3.62 -16.74 -12.82
C VAL A 82 -2.10 -16.93 -12.75
N PHE A 83 -1.41 -15.94 -12.21
CA PHE A 83 0.05 -15.98 -12.12
C PHE A 83 0.52 -16.26 -10.69
N ASN A 84 -0.31 -16.97 -9.93
CA ASN A 84 0.05 -17.27 -8.56
C ASN A 84 1.38 -18.01 -8.39
N ASP A 85 1.78 -18.80 -9.38
CA ASP A 85 3.07 -19.50 -9.24
C ASP A 85 4.25 -18.54 -9.06
N LEU A 86 4.11 -17.33 -9.61
CA LEU A 86 5.08 -16.27 -9.35
C LEU A 86 4.72 -15.40 -8.16
N PHE A 87 3.47 -14.94 -8.09
CA PHE A 87 3.10 -14.02 -7.02
C PHE A 87 3.29 -14.64 -5.63
N GLU A 88 2.89 -15.90 -5.46
CA GLU A 88 2.91 -16.52 -4.14
C GLU A 88 4.31 -16.51 -3.51
N PRO A 89 5.34 -17.03 -4.20
CA PRO A 89 6.63 -17.03 -3.49
C PRO A 89 7.17 -15.61 -3.24
N MET A 90 6.87 -14.67 -4.12
CA MET A 90 7.29 -13.29 -3.90
C MET A 90 6.57 -12.66 -2.70
N ILE A 91 5.26 -12.86 -2.62
CA ILE A 91 4.45 -12.34 -1.53
C ILE A 91 4.94 -12.90 -0.20
N CYS A 92 5.18 -14.21 -0.16
CA CYS A 92 5.53 -14.86 1.09
C CYS A 92 6.99 -14.62 1.52
N ASP A 93 7.84 -14.28 0.58
CA ASP A 93 9.21 -13.83 0.88
C ASP A 93 9.12 -12.44 1.53
N TYR A 94 8.46 -11.51 0.84
CA TYR A 94 8.43 -10.13 1.30
C TYR A 94 7.73 -9.94 2.65
N HIS A 95 6.55 -10.54 2.79
CA HIS A 95 5.74 -10.30 3.97
C HIS A 95 6.28 -11.10 5.15
N THR A 96 6.00 -10.61 6.34
CA THR A 96 6.41 -11.27 7.57
C THR A 96 5.27 -12.11 8.11
N GLY A 97 5.53 -13.39 8.34
CA GLY A 97 4.56 -14.25 9.02
C GLY A 97 3.45 -14.82 8.16
N PHE A 98 3.58 -14.72 6.83
CA PHE A 98 2.59 -15.27 5.91
C PHE A 98 3.26 -16.33 5.04
N LYS A 99 2.65 -17.52 4.92
CA LYS A 99 3.23 -18.61 4.15
C LYS A 99 2.21 -19.28 3.23
N PRO A 100 2.67 -19.99 2.18
CA PRO A 100 1.70 -20.62 1.30
C PRO A 100 0.76 -21.58 2.03
N GLY A 101 -0.52 -21.47 1.70
CA GLY A 101 -1.57 -22.21 2.37
C GLY A 101 -2.34 -21.39 3.38
N ASP A 102 -1.75 -20.27 3.84
CA ASP A 102 -2.44 -19.38 4.78
C ASP A 102 -3.55 -18.63 4.06
N ALA A 103 -4.58 -18.28 4.82
CA ALA A 103 -5.62 -17.40 4.35
C ALA A 103 -5.63 -16.19 5.25
N HIS A 104 -5.42 -15.02 4.67
CA HIS A 104 -5.52 -13.78 5.42
C HIS A 104 -6.92 -13.66 6.05
N PRO A 105 -7.04 -13.21 7.33
CA PRO A 105 -8.38 -13.20 7.98
C PRO A 105 -9.30 -12.11 7.43
N PRO A 106 -10.63 -12.26 7.60
CA PRO A 106 -11.54 -11.18 7.18
C PRO A 106 -11.23 -9.88 7.92
N ARG A 107 -11.49 -8.77 7.25
CA ARG A 107 -11.31 -7.45 7.83
C ARG A 107 -11.96 -7.33 9.21
N ASP A 108 -11.23 -6.77 10.16
CA ASP A 108 -11.73 -6.50 11.50
C ASP A 108 -10.89 -5.39 12.12
N PHE A 109 -11.45 -4.18 12.16
CA PHE A 109 -10.75 -3.05 12.74
C PHE A 109 -10.71 -3.12 14.27
N GLY A 110 -11.62 -3.91 14.85
CA GLY A 110 -11.64 -4.19 16.29
C GLY A 110 -12.22 -3.09 17.15
N ASP A 111 -11.98 -3.16 18.46
CA ASP A 111 -12.59 -2.27 19.44
C ASP A 111 -11.70 -1.06 19.69
N LEU A 112 -12.08 0.08 19.13
CA LEU A 112 -11.27 1.30 19.23
C LEU A 112 -11.09 1.76 20.69
N GLU A 113 -12.03 1.39 21.56
CA GLU A 113 -11.95 1.80 22.94
C GLU A 113 -10.81 1.16 23.74
N THR A 114 -10.22 0.11 23.19
CA THR A 114 -9.11 -0.58 23.85
C THR A 114 -7.77 0.13 23.64
N PHE A 115 -7.76 1.15 22.80
CA PHE A 115 -6.59 1.97 22.63
C PHE A 115 -6.62 3.10 23.67
N GLY A 116 -5.66 3.10 24.59
CA GLY A 116 -5.58 4.15 25.59
C GLY A 116 -4.67 5.26 25.14
N ASN A 117 -4.32 6.12 26.09
CA ASN A 117 -3.26 7.13 25.91
C ASN A 117 -1.90 6.44 25.80
N LEU A 118 -1.06 6.96 24.93
CA LEU A 118 0.30 6.43 24.74
C LEU A 118 1.30 7.44 25.28
N ASP A 119 1.12 8.70 24.88
CA ASP A 119 2.00 9.80 25.27
C ASP A 119 1.23 11.13 25.22
N PRO A 120 0.23 11.29 26.10
CA PRO A 120 -0.58 12.52 26.08
C PRO A 120 0.20 13.79 26.44
N GLU A 121 1.31 13.62 27.15
CA GLU A 121 2.16 14.73 27.58
C GLU A 121 3.00 15.30 26.44
N GLY A 122 3.21 14.49 25.39
CA GLY A 122 4.00 14.91 24.23
C GLY A 122 5.50 14.87 24.50
N ALA A 123 5.92 13.93 25.33
CA ALA A 123 7.31 13.82 25.72
C ALA A 123 8.13 12.91 24.82
N PHE A 124 7.44 12.15 23.97
CA PHE A 124 8.12 11.12 23.17
C PHE A 124 7.73 11.13 21.69
N ILE A 125 6.44 10.96 21.42
CA ILE A 125 5.97 10.77 20.07
C ILE A 125 5.79 12.09 19.30
N VAL A 126 6.48 12.19 18.18
CA VAL A 126 6.49 13.37 17.32
C VAL A 126 5.26 13.39 16.40
N SER A 127 4.94 12.26 15.79
CA SER A 127 3.83 12.17 14.85
C SER A 127 3.33 10.74 14.72
N THR A 128 2.08 10.62 14.29
CA THR A 128 1.41 9.32 14.15
C THR A 128 0.67 9.28 12.80
N ARG A 129 0.89 8.20 12.04
CA ARG A 129 0.29 8.03 10.72
C ARG A 129 -0.12 6.59 10.53
N VAL A 130 -1.29 6.40 9.93
CA VAL A 130 -1.72 5.10 9.48
C VAL A 130 -2.28 5.21 8.06
N ARG A 131 -1.66 4.46 7.17
CA ARG A 131 -2.01 4.42 5.75
C ARG A 131 -2.59 3.07 5.39
N CYS A 132 -3.64 3.11 4.56
N CYS A 132 -3.62 3.09 4.54
CA CYS A 132 -4.23 1.93 3.93
CA CYS A 132 -4.08 1.88 3.91
C CYS A 132 -4.38 2.15 2.42
C CYS A 132 -4.33 2.13 2.42
N GLY A 133 -4.56 1.05 1.70
CA GLY A 133 -4.85 1.09 0.27
C GLY A 133 -6.09 0.27 -0.03
N ARG A 134 -6.79 0.62 -1.10
CA ARG A 134 -7.90 -0.20 -1.58
C ARG A 134 -7.98 -0.14 -3.10
N SER A 135 -8.45 -1.25 -3.67
CA SER A 135 -8.92 -1.30 -5.04
C SER A 135 -10.45 -1.36 -5.02
N LEU A 136 -11.08 -0.69 -5.99
CA LEU A 136 -12.53 -0.78 -6.15
C LEU A 136 -12.88 -2.05 -6.88
N ALA A 137 -13.77 -2.83 -6.28
CA ALA A 137 -14.22 -4.08 -6.91
C ALA A 137 -14.84 -3.82 -8.27
N GLY A 138 -14.56 -4.72 -9.20
CA GLY A 138 -15.14 -4.65 -10.55
C GLY A 138 -14.37 -3.79 -11.53
N TYR A 139 -13.18 -3.35 -11.14
CA TYR A 139 -12.32 -2.56 -12.01
C TYR A 139 -10.96 -3.19 -12.19
N ALA A 140 -10.43 -3.08 -13.40
CA ALA A 140 -9.05 -3.40 -13.68
C ALA A 140 -8.13 -2.54 -12.81
N PHE A 141 -6.88 -2.95 -12.69
CA PHE A 141 -5.85 -2.08 -12.11
C PHE A 141 -5.18 -1.28 -13.27
N ASN A 142 -4.20 -0.42 -12.97
CA ASN A 142 -3.65 0.52 -13.99
C ASN A 142 -3.37 0.11 -15.47
N PRO A 143 -2.60 -0.98 -15.72
CA PRO A 143 -2.21 -1.30 -17.12
C PRO A 143 -3.36 -1.59 -18.07
N CYS A 144 -4.52 -1.96 -17.55
CA CYS A 144 -5.68 -2.17 -18.41
C CYS A 144 -6.97 -1.41 -18.04
N LEU A 145 -6.86 -0.39 -17.19
CA LEU A 145 -7.97 0.55 -17.04
C LEU A 145 -8.15 1.34 -18.33
N THR A 146 -9.39 1.45 -18.77
CA THR A 146 -9.66 2.28 -19.93
C THR A 146 -9.85 3.72 -19.48
N GLU A 147 -9.83 4.65 -20.43
CA GLU A 147 -10.08 6.05 -20.13
C GLU A 147 -11.46 6.23 -19.49
N ALA A 148 -12.48 5.57 -20.03
CA ALA A 148 -13.83 5.63 -19.46
C ALA A 148 -13.85 5.09 -18.03
N ASN A 149 -13.09 4.02 -17.77
CA ASN A 149 -12.98 3.47 -16.43
C ASN A 149 -12.44 4.50 -15.44
N TYR A 150 -11.36 5.16 -15.82
CA TYR A 150 -10.79 6.22 -14.98
C TYR A 150 -11.82 7.28 -14.62
N LYS A 151 -12.58 7.74 -15.62
CA LYS A 151 -13.63 8.74 -15.43
C LYS A 151 -14.75 8.23 -14.51
N GLU A 152 -15.26 7.03 -14.79
CA GLU A 152 -16.34 6.45 -14.00
C GLU A 152 -15.91 6.22 -12.56
N MET A 153 -14.70 5.70 -12.37
CA MET A 153 -14.21 5.45 -11.03
C MET A 153 -14.05 6.73 -10.24
N GLU A 154 -13.48 7.75 -10.87
CA GLU A 154 -13.29 9.03 -10.20
C GLU A 154 -14.63 9.63 -9.77
N GLU A 155 -15.66 9.54 -10.61
CA GLU A 155 -16.96 10.05 -10.23
C GLU A 155 -17.51 9.35 -9.00
N LYS A 156 -17.35 8.03 -8.95
CA LYS A 156 -17.80 7.24 -7.79
C LYS A 156 -17.04 7.63 -6.53
N VAL A 157 -15.71 7.74 -6.64
CA VAL A 157 -14.87 8.09 -5.50
C VAL A 157 -15.23 9.49 -4.98
N VAL A 158 -15.34 10.45 -5.90
CA VAL A 158 -15.64 11.83 -5.50
C VAL A 158 -17.02 11.95 -4.87
N ALA A 159 -18.00 11.20 -5.37
CA ALA A 159 -19.32 11.20 -4.75
C ALA A 159 -19.25 10.75 -3.28
N SER A 160 -18.45 9.72 -3.01
N SER A 160 -18.42 9.74 -2.99
CA SER A 160 -18.22 9.29 -1.64
CA SER A 160 -18.23 9.28 -1.62
C SER A 160 -17.55 10.41 -0.85
C SER A 160 -17.44 10.28 -0.77
N LEU A 161 -16.37 10.84 -1.33
CA LEU A 161 -15.53 11.76 -0.55
C LEU A 161 -16.22 13.09 -0.27
N SER A 162 -16.91 13.62 -1.28
N SER A 162 -16.89 13.64 -1.28
CA SER A 162 -17.58 14.91 -1.20
CA SER A 162 -17.52 14.94 -1.11
C SER A 162 -18.83 14.88 -0.33
C SER A 162 -18.73 14.90 -0.20
N SER A 163 -19.20 13.69 0.13
CA SER A 163 -20.33 13.52 1.06
C SER A 163 -19.87 13.27 2.51
N LEU A 164 -18.56 13.20 2.72
CA LEU A 164 -18.05 13.00 4.09
C LEU A 164 -18.34 14.21 4.95
N GLU A 165 -18.68 13.94 6.20
CA GLU A 165 -19.17 14.98 7.11
C GLU A 165 -18.27 15.11 8.32
N GLY A 166 -18.48 16.18 9.09
CA GLY A 166 -17.80 16.34 10.36
C GLY A 166 -16.29 16.35 10.22
N GLU A 167 -15.67 15.46 10.97
N GLU A 167 -15.63 15.49 10.98
CA GLU A 167 -14.22 15.32 11.07
CA GLU A 167 -14.17 15.44 11.03
C GLU A 167 -13.54 15.02 9.73
C GLU A 167 -13.54 15.15 9.65
N LEU A 168 -14.31 14.52 8.76
CA LEU A 168 -13.78 14.10 7.46
C LEU A 168 -14.09 15.07 6.33
N LYS A 169 -14.90 16.10 6.60
CA LYS A 169 -15.30 17.06 5.57
C LYS A 169 -14.08 17.77 4.98
N GLY A 170 -14.08 17.94 3.67
CA GLY A 170 -12.90 18.49 3.00
C GLY A 170 -13.15 18.78 1.55
N THR A 171 -12.05 18.87 0.81
CA THR A 171 -12.06 19.30 -0.59
C THR A 171 -11.34 18.31 -1.47
N TYR A 172 -11.92 18.04 -2.64
CA TYR A 172 -11.29 17.25 -3.68
C TYR A 172 -10.62 18.14 -4.73
N TYR A 173 -9.37 17.82 -5.07
CA TYR A 173 -8.62 18.56 -6.07
C TYR A 173 -8.26 17.60 -7.20
N PRO A 174 -8.96 17.69 -8.35
CA PRO A 174 -8.57 16.86 -9.50
C PRO A 174 -7.15 17.20 -9.94
N LEU A 175 -6.40 16.20 -10.42
CA LEU A 175 -5.17 16.54 -11.14
C LEU A 175 -5.47 17.20 -12.50
N THR A 176 -6.59 16.84 -13.10
CA THR A 176 -6.96 17.44 -14.38
C THR A 176 -7.26 18.92 -14.18
N GLY A 177 -6.45 19.75 -14.86
CA GLY A 177 -6.56 21.19 -14.77
C GLY A 177 -6.00 21.77 -13.49
N MET A 178 -5.28 20.98 -12.70
CA MET A 178 -4.80 21.52 -11.42
C MET A 178 -3.92 22.73 -11.68
N THR A 179 -4.20 23.78 -10.94
CA THR A 179 -3.49 25.04 -11.10
C THR A 179 -2.12 24.99 -10.40
N LYS A 180 -1.23 25.87 -10.82
CA LYS A 180 0.05 25.99 -10.17
C LYS A 180 -0.13 26.37 -8.69
N GLU A 181 -1.13 27.21 -8.40
CA GLU A 181 -1.42 27.63 -7.03
C GLU A 181 -1.70 26.43 -6.14
N VAL A 182 -2.54 25.53 -6.63
CA VAL A 182 -2.93 24.35 -5.88
C VAL A 182 -1.77 23.36 -5.77
N GLN A 183 -0.97 23.23 -6.82
CA GLN A 183 0.22 22.38 -6.77
C GLN A 183 1.12 22.82 -5.61
N THR A 184 1.42 24.12 -5.60
CA THR A 184 2.26 24.74 -4.57
C THR A 184 1.68 24.51 -3.18
N GLN A 185 0.38 24.72 -3.03
CA GLN A 185 -0.23 24.50 -1.73
C GLN A 185 -0.13 23.06 -1.26
N LEU A 186 -0.42 22.12 -2.16
CA LEU A 186 -0.40 20.72 -1.81
C LEU A 186 1.02 20.23 -1.55
N ILE A 187 2.00 20.77 -2.27
CA ILE A 187 3.42 20.41 -2.04
C ILE A 187 3.84 20.78 -0.62
N GLN A 188 3.39 21.95 -0.15
CA GLN A 188 3.74 22.39 1.21
C GLN A 188 3.18 21.47 2.28
N ASP A 189 2.03 20.87 1.96
CA ASP A 189 1.33 19.91 2.81
C ASP A 189 1.94 18.48 2.72
N ARG A 190 2.86 18.26 1.78
CA ARG A 190 3.32 16.92 1.36
C ARG A 190 2.15 16.05 0.85
N PHE A 191 1.19 16.68 0.20
CA PHE A 191 -0.03 16.04 -0.25
C PHE A 191 -0.06 15.78 -1.76
N LEU A 192 0.89 16.34 -2.50
CA LEU A 192 0.85 16.25 -3.97
C LEU A 192 1.50 14.97 -4.45
N PHE A 193 0.86 14.33 -5.42
CA PHE A 193 1.53 13.34 -6.26
C PHE A 193 1.58 13.83 -7.70
N LYS A 194 2.51 13.29 -8.48
CA LYS A 194 2.65 13.68 -9.88
C LYS A 194 2.74 12.41 -10.72
N GLU A 195 2.95 12.53 -12.03
CA GLU A 195 3.06 11.35 -12.87
C GLU A 195 4.11 10.41 -12.28
N GLY A 196 3.84 9.11 -12.36
CA GLY A 196 4.63 8.12 -11.65
C GLY A 196 6.07 8.14 -12.08
N ASP A 197 6.94 7.71 -11.18
CA ASP A 197 8.35 7.56 -11.49
C ASP A 197 8.53 6.40 -12.48
N ARG A 198 9.80 6.07 -12.72
N ARG A 198 9.78 6.09 -12.82
CA ARG A 198 10.24 5.08 -13.71
CA ARG A 198 10.01 5.10 -13.87
C ARG A 198 9.70 3.67 -13.50
C ARG A 198 9.38 3.75 -13.54
N PHE A 199 9.33 3.38 -12.26
CA PHE A 199 8.77 2.07 -11.88
C PHE A 199 7.29 2.01 -12.27
N LEU A 200 6.57 3.10 -12.02
CA LEU A 200 5.16 3.16 -12.41
C LEU A 200 4.95 3.34 -13.91
N GLN A 201 5.83 4.13 -14.54
CA GLN A 201 5.79 4.35 -15.99
C GLN A 201 5.91 3.02 -16.72
N ALA A 202 6.93 2.24 -16.35
CA ALA A 202 7.18 0.94 -16.97
C ALA A 202 6.06 -0.06 -16.67
N ALA A 203 5.38 0.12 -15.55
CA ALA A 203 4.24 -0.73 -15.23
C ALA A 203 2.95 -0.41 -16.01
N ASN A 204 3.00 0.60 -16.89
CA ASN A 204 1.82 1.11 -17.61
C ASN A 204 0.74 1.62 -16.66
N ALA A 205 1.21 2.19 -15.56
CA ALA A 205 0.33 2.69 -14.53
C ALA A 205 -0.09 4.13 -14.77
N CYS A 206 0.48 4.78 -15.79
CA CYS A 206 0.26 6.22 -15.98
C CYS A 206 -0.43 6.57 -17.29
N ARG A 207 -1.20 5.63 -17.83
CA ARG A 207 -1.93 5.87 -19.07
C ARG A 207 -3.07 6.84 -18.82
N TYR A 208 -3.39 7.63 -19.85
CA TYR A 208 -4.44 8.66 -19.77
C TYR A 208 -4.20 9.69 -18.67
N TRP A 209 -2.94 9.90 -18.28
CA TRP A 209 -2.62 10.91 -17.26
C TRP A 209 -3.14 12.29 -17.70
N PRO A 210 -3.78 13.07 -16.82
CA PRO A 210 -4.06 12.75 -15.42
C PRO A 210 -5.54 12.42 -15.19
N THR A 211 -6.23 11.94 -16.22
CA THR A 211 -7.65 11.63 -16.14
C THR A 211 -7.93 10.66 -14.99
N GLY A 212 -8.88 11.03 -14.14
CA GLY A 212 -9.29 10.15 -13.05
C GLY A 212 -8.42 10.19 -11.81
N ARG A 213 -7.40 11.04 -11.83
CA ARG A 213 -6.47 11.17 -10.71
C ARG A 213 -6.82 12.40 -9.89
N GLY A 214 -6.77 12.30 -8.56
CA GLY A 214 -7.06 13.45 -7.73
C GLY A 214 -6.65 13.26 -6.29
N ILE A 215 -6.81 14.33 -5.52
CA ILE A 215 -6.34 14.39 -4.14
C ILE A 215 -7.42 15.01 -3.28
N TYR A 216 -7.74 14.36 -2.16
CA TYR A 216 -8.73 14.87 -1.23
C TYR A 216 -8.08 15.01 0.14
N HIS A 217 -8.41 16.07 0.87
CA HIS A 217 -8.02 16.11 2.27
C HIS A 217 -9.06 16.82 3.10
N ASN A 218 -9.18 16.43 4.37
CA ASN A 218 -10.07 17.17 5.25
C ASN A 218 -9.49 18.56 5.58
N ASP A 219 -10.33 19.42 6.13
CA ASP A 219 -9.87 20.78 6.40
C ASP A 219 -8.74 20.83 7.42
N ALA A 220 -8.78 19.91 8.38
CA ALA A 220 -7.74 19.83 9.40
C ALA A 220 -6.40 19.32 8.90
N LYS A 221 -6.39 18.75 7.70
CA LYS A 221 -5.18 18.17 7.09
C LYS A 221 -4.66 16.99 7.92
N THR A 222 -5.61 16.22 8.45
CA THR A 222 -5.33 15.02 9.23
C THR A 222 -5.86 13.76 8.50
N PHE A 223 -6.37 13.95 7.29
CA PHE A 223 -6.95 12.85 6.51
C PHE A 223 -6.67 13.21 5.05
N LEU A 224 -6.08 12.25 4.34
CA LEU A 224 -5.67 12.41 2.96
C LEU A 224 -6.10 11.20 2.14
N VAL A 225 -6.65 11.44 0.95
CA VAL A 225 -6.90 10.37 0.00
C VAL A 225 -6.28 10.74 -1.34
N TRP A 226 -5.58 9.77 -1.93
CA TRP A 226 -5.13 9.87 -3.31
C TRP A 226 -5.98 8.90 -4.15
N CYS A 227 -6.54 9.42 -5.26
CA CYS A 227 -7.31 8.63 -6.18
C CYS A 227 -6.47 8.37 -7.44
N ASN A 228 -6.16 7.10 -7.67
CA ASN A 228 -5.45 6.61 -8.86
C ASN A 228 -3.98 7.01 -8.99
N GLU A 229 -3.31 7.20 -7.85
CA GLU A 229 -1.84 7.42 -7.84
C GLU A 229 -0.99 6.18 -8.16
N GLU A 230 -1.38 5.04 -7.58
CA GLU A 230 -0.77 3.74 -7.82
C GLU A 230 -1.87 2.71 -7.60
N ASP A 231 -2.51 2.77 -6.44
CA ASP A 231 -3.76 2.07 -6.23
C ASP A 231 -4.93 2.97 -6.59
N HIS A 232 -6.10 2.38 -6.71
CA HIS A 232 -7.30 3.19 -6.89
C HIS A 232 -7.44 4.19 -5.75
N LEU A 233 -7.22 3.70 -4.53
CA LEU A 233 -7.30 4.54 -3.33
C LEU A 233 -6.10 4.33 -2.42
N ARG A 234 -5.50 5.42 -1.98
CA ARG A 234 -4.53 5.43 -0.87
C ARG A 234 -5.17 6.35 0.17
N ILE A 235 -5.33 5.85 1.38
CA ILE A 235 -6.14 6.48 2.40
C ILE A 235 -5.26 6.61 3.65
N ILE A 236 -5.02 7.85 4.08
CA ILE A 236 -4.08 8.10 5.17
C ILE A 236 -4.71 8.98 6.23
N SER A 237 -4.50 8.58 7.48
CA SER A 237 -4.87 9.42 8.62
C SER A 237 -3.61 9.72 9.40
N MET A 238 -3.46 10.96 9.83
CA MET A 238 -2.19 11.40 10.45
C MET A 238 -2.38 12.65 11.26
N GLN A 239 -1.53 12.82 12.28
CA GLN A 239 -1.46 14.07 13.01
C GLN A 239 -0.19 14.13 13.82
N LYS A 240 0.15 15.33 14.28
CA LYS A 240 1.26 15.49 15.22
C LYS A 240 0.86 14.90 16.56
N GLY A 241 1.87 14.46 17.31
CA GLY A 241 1.63 13.81 18.59
C GLY A 241 1.40 12.32 18.46
N GLY A 242 0.97 11.72 19.57
CA GLY A 242 0.92 10.28 19.70
C GLY A 242 -0.46 9.69 19.89
N ASP A 243 -1.52 10.41 19.54
CA ASP A 243 -2.89 9.88 19.74
C ASP A 243 -3.28 8.84 18.67
N LEU A 244 -2.74 7.64 18.83
CA LEU A 244 -2.98 6.55 17.89
C LEU A 244 -4.47 6.19 17.82
N LYS A 245 -5.16 6.24 18.96
CA LYS A 245 -6.61 6.00 18.93
C LYS A 245 -7.33 6.95 17.98
N ALA A 246 -7.08 8.25 18.11
CA ALA A 246 -7.75 9.24 17.26
C ALA A 246 -7.43 9.05 15.78
N VAL A 247 -6.16 8.79 15.49
CA VAL A 247 -5.69 8.60 14.12
C VAL A 247 -6.38 7.39 13.50
N TYR A 248 -6.38 6.29 14.24
CA TYR A 248 -6.95 5.05 13.74
C TYR A 248 -8.48 5.15 13.64
N ALA A 249 -9.12 5.75 14.63
CA ALA A 249 -10.57 5.90 14.62
C ALA A 249 -11.05 6.68 13.40
N ARG A 250 -10.32 7.74 13.06
CA ARG A 250 -10.66 8.57 11.91
C ARG A 250 -10.53 7.77 10.60
N LEU A 251 -9.48 6.96 10.51
CA LEU A 251 -9.27 6.10 9.36
C LEU A 251 -10.39 5.07 9.22
N VAL A 252 -10.73 4.40 10.32
CA VAL A 252 -11.79 3.40 10.34
C VAL A 252 -13.12 4.04 9.93
N ASN A 253 -13.45 5.20 10.49
CA ASN A 253 -14.68 5.86 10.10
CA ASN A 253 -14.63 6.01 10.13
C ASN A 253 -14.71 6.18 8.62
N ALA A 254 -13.61 6.67 8.05
CA ALA A 254 -13.56 6.99 6.63
C ALA A 254 -13.72 5.73 5.76
N ILE A 255 -12.97 4.67 6.07
CA ILE A 255 -13.00 3.48 5.23
C ILE A 255 -14.40 2.86 5.28
N ASN A 256 -14.99 2.78 6.47
CA ASN A 256 -16.36 2.27 6.59
C ASN A 256 -17.36 3.10 5.77
N GLU A 257 -17.23 4.42 5.82
CA GLU A 257 -18.12 5.28 5.05
C GLU A 257 -17.96 5.09 3.55
N ILE A 258 -16.73 4.96 3.09
CA ILE A 258 -16.47 4.72 1.67
C ILE A 258 -17.04 3.36 1.26
N GLU A 259 -16.80 2.32 2.06
CA GLU A 259 -17.28 0.97 1.75
C GLU A 259 -18.80 0.91 1.63
N LYS A 260 -19.52 1.70 2.41
CA LYS A 260 -20.97 1.73 2.32
C LYS A 260 -21.41 2.03 0.88
N ARG A 261 -20.63 2.83 0.16
CA ARG A 261 -20.97 3.15 -1.23
C ARG A 261 -20.20 2.36 -2.30
N ILE A 262 -18.97 1.95 -1.97
CA ILE A 262 -18.04 1.37 -2.94
C ILE A 262 -17.39 0.09 -2.37
N PRO A 263 -17.78 -1.10 -2.88
CA PRO A 263 -17.10 -2.33 -2.44
C PRO A 263 -15.65 -2.41 -2.90
N PHE A 264 -14.83 -3.10 -2.10
CA PHE A 264 -13.40 -3.20 -2.37
C PHE A 264 -13.00 -4.57 -2.89
N SER A 265 -11.99 -4.58 -3.77
CA SER A 265 -11.44 -5.84 -4.29
C SER A 265 -10.78 -6.64 -3.19
N HIS A 266 -11.12 -7.92 -3.15
CA HIS A 266 -10.70 -8.77 -2.06
C HIS A 266 -10.47 -10.20 -2.54
N HIS A 267 -9.47 -10.83 -1.93
CA HIS A 267 -9.00 -12.17 -2.32
C HIS A 267 -9.05 -13.08 -1.10
N ASP A 268 -9.52 -14.31 -1.31
CA ASP A 268 -9.72 -15.27 -0.22
C ASP A 268 -8.48 -15.56 0.61
N LYS A 269 -7.31 -15.53 -0.02
CA LYS A 269 -6.08 -15.82 0.69
C LYS A 269 -5.29 -14.56 1.01
N TYR A 270 -5.35 -13.56 0.11
CA TYR A 270 -4.45 -12.41 0.21
C TYR A 270 -5.05 -11.14 0.79
N GLY A 271 -6.34 -11.16 1.10
CA GLY A 271 -7.00 -9.99 1.71
C GLY A 271 -7.27 -8.91 0.66
N PHE A 272 -7.09 -7.64 1.04
CA PHE A 272 -7.38 -6.57 0.09
C PHE A 272 -6.33 -6.55 -1.01
N LEU A 273 -6.78 -6.55 -2.27
CA LEU A 273 -5.88 -6.59 -3.40
C LEU A 273 -5.43 -5.21 -3.79
N THR A 274 -4.14 -5.10 -4.08
CA THR A 274 -3.50 -3.83 -4.39
C THR A 274 -2.64 -3.99 -5.64
N PHE A 275 -2.26 -2.87 -6.24
CA PHE A 275 -1.44 -2.90 -7.43
C PHE A 275 -0.05 -3.46 -7.16
N CYS A 276 0.59 -3.02 -6.07
CA CYS A 276 1.86 -3.62 -5.65
C CYS A 276 1.58 -4.65 -4.57
N PRO A 277 2.08 -5.89 -4.74
CA PRO A 277 1.81 -6.92 -3.73
C PRO A 277 2.40 -6.62 -2.36
N THR A 278 3.29 -5.62 -2.26
CA THR A 278 3.77 -5.23 -0.93
C THR A 278 2.67 -4.64 -0.04
N ASN A 279 1.53 -4.29 -0.64
CA ASN A 279 0.44 -3.62 0.07
C ASN A 279 -0.77 -4.51 0.39
N LEU A 280 -0.58 -5.82 0.30
CA LEU A 280 -1.69 -6.77 0.46
C LEU A 280 -2.17 -6.94 1.92
N GLY A 281 -3.20 -7.76 2.09
CA GLY A 281 -3.64 -8.16 3.43
C GLY A 281 -4.48 -7.10 4.07
N THR A 282 -4.04 -6.59 5.21
CA THR A 282 -4.65 -5.40 5.81
C THR A 282 -4.31 -4.13 5.06
N THR A 283 -3.23 -4.17 4.28
CA THR A 283 -2.66 -3.00 3.58
C THR A 283 -2.03 -1.98 4.54
N ILE A 284 -2.05 -2.26 5.84
CA ILE A 284 -1.67 -1.24 6.81
C ILE A 284 -0.19 -0.90 6.81
N ARG A 285 0.05 0.40 6.68
CA ARG A 285 1.39 0.96 6.85
CA ARG A 285 1.39 0.94 6.87
C ARG A 285 1.30 2.01 7.95
N ALA A 286 1.56 1.59 9.18
CA ALA A 286 1.52 2.51 10.31
C ALA A 286 2.94 2.98 10.58
N SER A 287 3.10 4.26 10.92
CA SER A 287 4.42 4.79 11.19
C SER A 287 4.31 5.85 12.25
N VAL A 288 5.11 5.69 13.31
CA VAL A 288 5.10 6.62 14.41
C VAL A 288 6.55 7.09 14.60
N ALA A 289 6.75 8.40 14.54
CA ALA A 289 8.05 9.01 14.83
C ALA A 289 8.13 9.27 16.32
N ILE A 290 9.16 8.72 16.96
CA ILE A 290 9.29 8.76 18.42
C ILE A 290 10.73 9.09 18.84
N ALA A 291 10.85 10.01 19.78
CA ALA A 291 12.15 10.40 20.32
C ALA A 291 12.50 9.51 21.50
N LEU A 292 13.54 8.68 21.33
CA LEU A 292 14.00 7.77 22.38
C LEU A 292 15.50 7.96 22.60
N PRO A 293 15.89 9.16 23.07
CA PRO A 293 17.33 9.46 23.16
C PRO A 293 18.11 8.57 24.15
N LYS A 294 17.47 8.13 25.22
CA LYS A 294 18.13 7.22 26.17
C LYS A 294 18.30 5.83 25.60
N LEU A 295 17.27 5.36 24.88
CA LEU A 295 17.37 4.05 24.28
C LEU A 295 18.30 4.04 23.08
N ALA A 296 18.49 5.22 22.49
CA ALA A 296 19.35 5.40 21.31
C ALA A 296 20.81 4.99 21.57
N ALA A 297 21.18 4.85 22.84
CA ALA A 297 22.53 4.46 23.22
C ALA A 297 22.81 2.99 22.94
N ASP A 298 21.76 2.18 22.83
CA ASP A 298 21.89 0.75 22.58
C ASP A 298 20.78 0.22 21.70
N LEU A 299 21.14 -0.24 20.51
CA LEU A 299 20.21 -0.97 19.67
C LEU A 299 19.88 -2.36 20.24
N ALA A 300 19.50 -2.35 21.51
CA ALA A 300 18.66 -3.37 22.14
C ALA A 300 17.22 -2.96 21.83
N LYS A 301 17.11 -1.78 21.23
CA LYS A 301 15.83 -1.25 20.80
C LYS A 301 15.29 -1.95 19.55
N LEU A 302 16.13 -2.03 18.52
CA LEU A 302 15.79 -2.54 17.18
C LEU A 302 15.29 -3.98 17.20
N GLU A 303 16.18 -4.91 16.88
CA GLU A 303 15.94 -6.32 17.16
C GLU A 303 15.58 -6.39 18.65
N GLU A 304 15.19 -7.57 19.13
CA GLU A 304 14.71 -7.68 20.50
C GLU A 304 13.46 -6.80 20.74
N ALA A 305 13.65 -5.56 21.21
CA ALA A 305 12.59 -4.87 21.95
C ALA A 305 11.37 -4.57 21.09
N ALA A 306 11.59 -3.81 20.03
CA ALA A 306 10.54 -3.53 19.06
C ALA A 306 10.15 -4.79 18.29
N GLY A 307 11.14 -5.62 17.97
CA GLY A 307 10.95 -6.85 17.22
C GLY A 307 10.10 -7.89 17.93
N LYS A 308 10.07 -7.83 19.25
CA LYS A 308 9.19 -8.70 20.06
C LYS A 308 7.73 -8.51 19.67
N PHE A 309 7.41 -7.29 19.20
CA PHE A 309 6.05 -6.94 18.79
C PHE A 309 5.94 -6.83 17.28
N ASN A 310 6.90 -7.43 16.59
CA ASN A 310 7.00 -7.40 15.12
C ASN A 310 7.01 -5.98 14.57
N LEU A 311 7.72 -5.09 15.25
CA LEU A 311 7.89 -3.74 14.77
C LEU A 311 9.30 -3.52 14.29
N GLN A 312 9.40 -2.62 13.31
CA GLN A 312 10.66 -2.24 12.70
C GLN A 312 11.06 -0.86 13.20
N VAL A 313 12.36 -0.68 13.40
CA VAL A 313 12.94 0.58 13.85
C VAL A 313 13.85 1.13 12.75
N ARG A 314 13.68 2.42 12.42
CA ARG A 314 14.55 3.09 11.47
C ARG A 314 14.90 4.49 11.99
N GLY A 315 16.19 4.82 12.00
CA GLY A 315 16.63 6.15 12.43
C GLY A 315 16.19 7.24 11.47
N GLY A 325 18.57 13.11 15.78
CA GLY A 325 19.33 12.29 16.71
C GLY A 325 18.41 11.63 17.72
N GLY A 326 18.42 10.30 17.75
CA GLY A 326 17.58 9.55 18.67
C GLY A 326 16.09 9.57 18.36
N VAL A 327 15.70 10.05 17.18
CA VAL A 327 14.31 9.95 16.72
C VAL A 327 14.23 8.80 15.72
N TYR A 328 13.21 7.95 15.92
CA TYR A 328 13.05 6.75 15.12
C TYR A 328 11.66 6.68 14.58
N ASP A 329 11.56 6.15 13.35
CA ASP A 329 10.29 5.77 12.77
C ASP A 329 10.08 4.31 13.11
N ILE A 330 8.95 4.06 13.78
CA ILE A 330 8.54 2.74 14.23
C ILE A 330 7.38 2.33 13.33
N SER A 331 7.48 1.16 12.72
CA SER A 331 6.46 0.73 11.77
C SER A 331 6.13 -0.75 11.99
N ASN A 332 4.96 -1.17 11.50
CA ASN A 332 4.57 -2.57 11.60
C ASN A 332 5.22 -3.41 10.53
N LYS A 333 5.92 -4.49 10.92
CA LYS A 333 6.45 -5.43 9.95
C LYS A 333 5.35 -6.24 9.28
N ARG A 334 4.27 -6.50 10.02
CA ARG A 334 3.23 -7.41 9.55
C ARG A 334 2.07 -6.66 8.93
N ARG A 335 1.74 -7.08 7.72
CA ARG A 335 0.60 -6.53 6.98
C ARG A 335 -0.40 -7.63 6.65
N MET A 336 0.08 -8.87 6.49
CA MET A 336 -0.75 -10.01 6.08
C MET A 336 -0.78 -11.04 7.17
N GLY A 337 -1.87 -11.80 7.26
CA GLY A 337 -1.96 -12.91 8.21
C GLY A 337 -2.29 -12.50 9.62
N LEU A 338 -2.87 -11.31 9.75
CA LEU A 338 -3.34 -10.76 11.02
CA LEU A 338 -3.33 -10.75 11.01
C LEU A 338 -4.42 -9.75 10.68
N THR A 339 -5.28 -9.44 11.64
CA THR A 339 -6.34 -8.46 11.41
C THR A 339 -5.79 -7.04 11.55
N GLU A 340 -6.57 -6.09 11.06
CA GLU A 340 -6.25 -4.66 11.21
C GLU A 340 -6.04 -4.33 12.68
N TYR A 341 -6.97 -4.81 13.53
CA TYR A 341 -6.86 -4.60 14.97
C TYR A 341 -5.54 -5.14 15.48
N GLN A 342 -5.18 -6.36 15.10
CA GLN A 342 -3.91 -6.94 15.55
C GLN A 342 -2.72 -6.08 15.14
N ALA A 343 -2.71 -5.58 13.90
CA ALA A 343 -1.57 -4.80 13.42
C ALA A 343 -1.43 -3.51 14.20
N VAL A 344 -2.54 -2.79 14.39
CA VAL A 344 -2.49 -1.51 15.07
C VAL A 344 -2.21 -1.70 16.56
N LYS A 345 -2.66 -2.83 17.11
CA LYS A 345 -2.33 -3.18 18.50
C LYS A 345 -0.87 -3.64 18.65
N GLU A 346 -0.25 -4.22 17.62
CA GLU A 346 1.21 -4.49 17.67
C GLU A 346 1.99 -3.17 17.80
N MET A 347 1.54 -2.14 17.09
CA MET A 347 2.11 -0.81 17.16
C MET A 347 1.90 -0.20 18.54
N TYR A 348 0.65 -0.23 19.02
CA TYR A 348 0.30 0.29 20.32
C TYR A 348 1.14 -0.37 21.42
N ASP A 349 1.13 -1.71 21.45
CA ASP A 349 1.82 -2.47 22.50
C ASP A 349 3.34 -2.30 22.44
N GLY A 350 3.88 -2.31 21.22
CA GLY A 350 5.31 -2.11 21.01
C GLY A 350 5.77 -0.72 21.44
N LEU A 351 5.04 0.31 21.04
CA LEU A 351 5.32 1.69 21.45
C LEU A 351 5.24 1.85 22.97
N GLN A 352 4.30 1.13 23.59
CA GLN A 352 4.14 1.12 25.04
C GLN A 352 5.37 0.50 25.73
N GLU A 353 5.86 -0.61 25.19
CA GLU A 353 7.09 -1.25 25.72
C GLU A 353 8.30 -0.32 25.57
N LEU A 354 8.42 0.31 24.40
CA LEU A 354 9.56 1.19 24.14
C LEU A 354 9.57 2.41 25.06
N ILE A 355 8.40 3.00 25.27
CA ILE A 355 8.24 4.14 26.18
C ILE A 355 8.58 3.76 27.63
N ARG A 356 8.18 2.55 28.03
CA ARG A 356 8.54 1.99 29.33
C ARG A 356 10.07 1.89 29.46
N MET A 357 10.71 1.34 28.44
CA MET A 357 12.15 1.17 28.44
C MET A 357 12.84 2.54 28.52
N GLU A 358 12.34 3.52 27.78
CA GLU A 358 12.88 4.88 27.81
C GLU A 358 12.82 5.52 29.21
N LYS A 359 11.64 5.48 29.84
CA LYS A 359 11.47 6.02 31.20
C LYS A 359 12.35 5.31 32.24
N GLU A 360 12.42 3.99 32.14
CA GLU A 360 13.20 3.19 33.09
C GLU A 360 14.71 3.34 32.94
N ALA A 361 15.15 3.61 31.71
CA ALA A 361 16.55 3.82 31.40
C ALA A 361 17.10 5.02 32.18
N ALA A 362 18.32 4.89 32.67
CA ALA A 362 18.90 5.92 33.52
C ALA A 362 19.43 7.10 32.71
P PO4 B . -9.65 -20.95 -22.31
O1 PO4 B . -10.57 -20.99 -23.53
O2 PO4 B . -9.81 -22.25 -21.55
O3 PO4 B . -10.02 -19.77 -21.43
O4 PO4 B . -8.23 -20.82 -22.79
P PO4 C . 6.28 3.18 5.26
O1 PO4 C . 4.80 3.21 4.91
O2 PO4 C . 7.08 2.61 4.11
O3 PO4 C . 6.53 2.35 6.52
O4 PO4 C . 6.78 4.59 5.52
K K D . 8.83 -13.82 4.79
K K E . 0.35 -14.97 10.64
N ARG F . 8.35 -1.49 -8.25
CA ARG F . 9.23 -0.81 -7.26
C ARG F . 10.36 -1.73 -6.78
O ARG F . 10.27 -2.95 -6.89
CB ARG F . 8.43 -0.30 -6.05
CG ARG F . 7.74 -1.37 -5.20
CD ARG F . 7.38 -0.82 -3.82
NE ARG F . 6.88 0.57 -3.90
CZ ARG F . 5.63 0.91 -4.20
NH1 ARG F . 5.27 2.18 -4.25
NH2 ARG F . 4.74 -0.04 -4.47
OXT ARG F . 11.37 -1.26 -6.27
#